data_3TER
#
_entry.id   3TER
#
_cell.length_a   76.988
_cell.length_b   76.988
_cell.length_c   64.797
_cell.angle_alpha   90.00
_cell.angle_beta   90.00
_cell.angle_gamma   120.00
#
_symmetry.space_group_name_H-M   'P 32'
#
loop_
_entity.id
_entity.type
_entity.pdbx_description
1 polymer 'Mammalian stromal interaction molecule-1'
2 water water
#
_entity_poly.entity_id   1
_entity_poly.type   'polypeptide(L)'
_entity_poly.pdbx_seq_one_letter_code
;GVVNHTEMENLRVQLEEAERRLEANSNGSQAPLALQPLLRRTCENEMAFLEKQRQDCFKEMKEAIEMVDRLQKKQGSVLS
SLKLATGAASTSDQVDSKIFALKSRMEKIHTLTRETQERWLQIESLCGFPLLYLNE
;
_entity_poly.pdbx_strand_id   A,B
#
# COMPACT_ATOMS: atom_id res chain seq x y z
N VAL A 3 -13.27 -15.94 16.13
CA VAL A 3 -12.75 -17.10 16.83
C VAL A 3 -11.74 -16.70 17.91
N ASN A 4 -10.47 -17.01 17.66
CA ASN A 4 -9.40 -16.61 18.56
C ASN A 4 -8.38 -15.75 17.83
N HIS A 5 -7.18 -16.28 17.64
CA HIS A 5 -6.12 -15.60 16.90
C HIS A 5 -5.90 -14.17 17.39
N THR A 6 -5.72 -13.25 16.44
CA THR A 6 -5.39 -11.87 16.77
C THR A 6 -6.61 -11.14 17.35
N GLU A 7 -7.79 -11.73 17.16
CA GLU A 7 -8.97 -11.22 17.83
C GLU A 7 -8.79 -11.25 19.35
N MET A 8 -8.17 -12.31 19.86
CA MET A 8 -7.95 -12.38 21.31
C MET A 8 -6.99 -11.30 21.77
N GLU A 9 -5.91 -11.11 21.03
CA GLU A 9 -4.86 -10.22 21.50
C GLU A 9 -5.37 -8.78 21.56
N ASN A 10 -6.14 -8.38 20.54
CA ASN A 10 -6.79 -7.08 20.51
C ASN A 10 -7.67 -6.91 21.75
N LEU A 11 -8.42 -7.97 22.06
CA LEU A 11 -9.28 -7.97 23.22
C LEU A 11 -8.48 -7.66 24.48
N ARG A 12 -7.38 -8.34 24.70
CA ARG A 12 -6.59 -8.12 25.90
C ARG A 12 -6.14 -6.67 25.95
N VAL A 13 -5.87 -6.13 24.76
CA VAL A 13 -5.44 -4.75 24.65
C VAL A 13 -6.59 -3.85 25.10
N GLN A 14 -7.79 -4.16 24.62
CA GLN A 14 -8.97 -3.35 24.92
C GLN A 14 -9.40 -3.43 26.40
N LEU A 15 -9.55 -4.66 26.88
CA LEU A 15 -9.91 -4.90 28.27
C LEU A 15 -8.91 -4.26 29.22
N GLU A 16 -7.63 -4.32 28.88
CA GLU A 16 -6.63 -3.77 29.78
C GLU A 16 -6.86 -2.27 29.93
N GLU A 17 -7.03 -1.58 28.82
CA GLU A 17 -7.22 -0.14 28.82
C GLU A 17 -8.57 0.23 29.42
N ALA A 18 -9.57 -0.63 29.21
CA ALA A 18 -10.88 -0.38 29.76
C ALA A 18 -10.78 -0.37 31.26
N GLU A 19 -9.91 -1.23 31.78
CA GLU A 19 -9.64 -1.29 33.21
C GLU A 19 -9.02 0.02 33.67
N ARG A 20 -8.04 0.54 32.94
CA ARG A 20 -7.44 1.81 33.32
C ARG A 20 -8.43 2.98 33.18
N ARG A 21 -9.22 2.95 32.11
CA ARG A 21 -10.18 4.02 31.91
C ARG A 21 -11.34 3.99 32.92
N LEU A 22 -11.62 2.82 33.47
CA LEU A 22 -12.71 2.73 34.43
C LEU A 22 -12.34 3.43 35.74
N GLU A 23 -11.11 3.26 36.19
CA GLU A 23 -10.63 3.96 37.37
C GLU A 23 -10.42 5.44 37.07
N SER A 29 -5.03 11.68 26.20
CA SER A 29 -5.95 11.55 25.07
C SER A 29 -6.58 10.17 25.01
N GLN A 30 -7.89 10.12 24.82
CA GLN A 30 -8.62 8.86 24.71
C GLN A 30 -9.37 8.80 23.40
N ALA A 31 -9.11 7.76 22.61
CA ALA A 31 -9.98 7.46 21.50
C ALA A 31 -10.80 6.29 21.94
N PRO A 32 -12.04 6.19 21.44
CA PRO A 32 -12.92 5.03 21.60
C PRO A 32 -12.19 3.70 21.37
N LEU A 33 -12.29 2.81 22.35
CA LEU A 33 -11.63 1.50 22.34
C LEU A 33 -11.98 0.64 21.12
N ALA A 34 -13.17 0.82 20.56
CA ALA A 34 -13.57 0.08 19.36
C ALA A 34 -12.65 0.38 18.19
N LEU A 35 -12.03 1.55 18.21
CA LEU A 35 -11.05 1.91 17.19
C LEU A 35 -9.80 1.01 17.15
N GLN A 36 -9.39 0.44 18.29
CA GLN A 36 -8.08 -0.22 18.29
C GLN A 36 -7.94 -1.39 17.32
N PRO A 37 -9.02 -2.18 17.14
CA PRO A 37 -8.86 -3.24 16.12
C PRO A 37 -8.87 -2.65 14.70
N LEU A 38 -9.70 -1.65 14.45
CA LEU A 38 -9.76 -1.08 13.10
C LEU A 38 -8.43 -0.42 12.74
N LEU A 39 -7.83 0.23 13.72
CA LEU A 39 -6.56 0.91 13.53
C LEU A 39 -5.37 -0.03 13.48
N ARG A 40 -5.49 -1.18 14.13
CA ARG A 40 -4.41 -2.17 14.09
C ARG A 40 -4.36 -2.80 12.71
N ARG A 41 -5.54 -3.15 12.19
CA ARG A 41 -5.67 -3.64 10.82
C ARG A 41 -5.06 -2.61 9.85
N THR A 42 -5.48 -1.34 9.99
CA THR A 42 -5.06 -0.27 9.08
C THR A 42 -3.54 -0.14 9.05
N CYS A 43 -2.97 0.02 10.22
CA CYS A 43 -1.55 0.14 10.44
C CYS A 43 -0.81 -1.06 9.87
N GLU A 44 -1.36 -2.25 10.04
CA GLU A 44 -0.72 -3.48 9.54
C GLU A 44 -0.72 -3.51 8.03
N ASN A 45 -1.84 -3.14 7.42
CA ASN A 45 -1.86 -2.90 5.98
C ASN A 45 -0.78 -1.94 5.50
N GLU A 46 -0.68 -0.77 6.14
CA GLU A 46 0.30 0.24 5.70
C GLU A 46 1.76 -0.24 5.71
N MET A 47 2.19 -0.85 6.81
CA MET A 47 3.53 -1.47 6.87
C MET A 47 3.71 -2.59 5.83
N ALA A 48 2.66 -3.37 5.58
CA ALA A 48 2.73 -4.39 4.53
C ALA A 48 2.92 -3.75 3.16
N PHE A 49 2.06 -2.78 2.83
CA PHE A 49 2.18 -2.05 1.58
C PHE A 49 3.60 -1.49 1.42
N LEU A 50 4.12 -0.90 2.49
CA LEU A 50 5.49 -0.42 2.49
C LEU A 50 6.51 -1.53 2.20
N GLU A 51 6.36 -2.67 2.84
CA GLU A 51 7.35 -3.71 2.71
C GLU A 51 7.37 -4.27 1.28
N LYS A 52 6.19 -4.34 0.67
CA LYS A 52 6.08 -4.86 -0.68
C LYS A 52 6.85 -3.95 -1.63
N GLN A 53 6.89 -2.66 -1.30
CA GLN A 53 7.60 -1.65 -2.06
C GLN A 53 9.11 -1.81 -1.91
N ARG A 54 9.56 -1.97 -0.68
CA ARG A 54 10.95 -2.26 -0.40
C ARG A 54 11.39 -3.54 -1.14
N GLN A 55 10.52 -4.54 -1.16
CA GLN A 55 10.80 -5.77 -1.89
C GLN A 55 10.99 -5.52 -3.38
N ASP A 56 10.02 -4.85 -4.00
CA ASP A 56 10.08 -4.56 -5.44
C ASP A 56 11.36 -3.82 -5.84
N CYS A 57 11.74 -2.86 -5.03
CA CYS A 57 12.90 -2.06 -5.34
C CYS A 57 14.16 -2.90 -5.18
N PHE A 58 14.25 -3.68 -4.10
CA PHE A 58 15.31 -4.67 -3.97
C PHE A 58 15.41 -5.54 -5.22
N LYS A 59 14.27 -6.12 -5.61
CA LYS A 59 14.22 -7.01 -6.76
C LYS A 59 14.72 -6.32 -8.03
N GLU A 60 14.47 -5.02 -8.14
CA GLU A 60 14.93 -4.26 -9.31
C GLU A 60 16.42 -3.94 -9.22
N MET A 61 16.93 -3.72 -8.01
CA MET A 61 18.36 -3.51 -7.85
C MET A 61 19.12 -4.79 -8.22
N LYS A 62 18.44 -5.92 -8.08
CA LYS A 62 19.01 -7.21 -8.43
C LYS A 62 19.04 -7.41 -9.94
N GLU A 63 17.94 -7.05 -10.60
CA GLU A 63 17.91 -7.08 -12.06
C GLU A 63 19.06 -6.27 -12.64
N ALA A 64 19.27 -5.09 -12.05
CA ALA A 64 20.35 -4.18 -12.45
C ALA A 64 21.75 -4.76 -12.29
N ILE A 65 21.99 -5.41 -11.17
CA ILE A 65 23.28 -6.00 -10.89
C ILE A 65 23.55 -7.02 -11.97
N GLU A 66 22.47 -7.64 -12.43
CA GLU A 66 22.53 -8.65 -13.47
C GLU A 66 22.91 -8.01 -14.81
N MET A 67 22.34 -6.85 -15.08
CA MET A 67 22.65 -6.15 -16.31
C MET A 67 24.11 -5.79 -16.36
N VAL A 68 24.63 -5.27 -15.25
CA VAL A 68 26.03 -4.84 -15.18
C VAL A 68 26.94 -6.02 -15.51
N ASP A 69 26.62 -7.18 -14.93
CA ASP A 69 27.34 -8.41 -15.20
C ASP A 69 27.31 -8.82 -16.68
N ARG A 70 26.12 -8.77 -17.29
CA ARG A 70 25.95 -9.08 -18.70
C ARG A 70 26.79 -8.12 -19.55
N LEU A 71 26.90 -6.89 -19.09
CA LEU A 71 27.63 -5.85 -19.80
C LEU A 71 29.14 -6.13 -19.84
N GLN A 72 29.71 -6.62 -18.73
CA GLN A 72 31.14 -6.92 -18.68
C GLN A 72 31.44 -8.06 -19.65
N LYS A 73 30.51 -9.01 -19.69
CA LYS A 73 30.59 -10.16 -20.58
C LYS A 73 30.67 -9.72 -22.05
N LYS A 74 29.51 -9.57 -22.68
CA LYS A 74 29.42 -9.12 -24.06
C LYS A 74 29.66 -7.62 -24.16
N SER A 81 31.22 -3.26 -34.87
CA SER A 81 30.04 -3.83 -34.21
C SER A 81 29.13 -2.73 -33.64
N LEU A 82 29.72 -1.58 -33.33
CA LEU A 82 29.01 -0.47 -32.73
C LEU A 82 28.98 0.73 -33.66
N LYS A 83 27.88 1.47 -33.65
CA LYS A 83 27.67 2.60 -34.54
C LYS A 83 27.90 3.96 -33.84
N LEU A 84 27.18 4.99 -34.29
CA LEU A 84 27.37 6.36 -33.77
C LEU A 84 26.46 6.68 -32.58
N ALA A 85 25.22 6.22 -32.66
CA ALA A 85 24.28 6.24 -31.52
C ALA A 85 23.58 7.57 -31.25
N THR A 86 23.92 8.60 -32.02
CA THR A 86 23.23 9.90 -31.95
C THR A 86 23.79 10.80 -30.86
N GLY A 87 22.91 11.62 -30.29
CA GLY A 87 23.26 12.49 -29.18
C GLY A 87 22.56 12.04 -27.91
N ALA A 88 22.79 10.78 -27.52
CA ALA A 88 22.10 10.17 -26.38
C ALA A 88 23.05 9.42 -25.45
N ALA A 89 22.53 8.38 -24.79
CA ALA A 89 23.29 7.66 -23.75
C ALA A 89 23.61 6.19 -24.09
N SER A 90 24.84 5.76 -23.81
CA SER A 90 25.20 4.37 -24.07
C SER A 90 24.45 3.41 -23.15
N THR A 91 24.55 2.11 -23.44
CA THR A 91 23.83 1.11 -22.68
C THR A 91 24.29 1.14 -21.24
N SER A 92 25.61 1.30 -21.06
CA SER A 92 26.20 1.37 -19.75
C SER A 92 25.85 2.70 -19.07
N ASP A 93 25.72 3.76 -19.85
CA ASP A 93 25.27 5.04 -19.30
C ASP A 93 23.88 4.86 -18.71
N GLN A 94 23.00 4.23 -19.48
CA GLN A 94 21.61 4.17 -19.04
C GLN A 94 21.42 3.18 -17.90
N VAL A 95 22.22 2.13 -17.86
CA VAL A 95 22.19 1.22 -16.74
C VAL A 95 22.64 1.94 -15.49
N ASP A 96 23.66 2.79 -15.63
CA ASP A 96 24.19 3.54 -14.49
C ASP A 96 23.11 4.45 -13.91
N SER A 97 22.23 4.95 -14.77
CA SER A 97 21.13 5.81 -14.32
C SER A 97 19.93 5.00 -13.84
N LYS A 98 19.80 3.76 -14.32
CA LYS A 98 18.83 2.84 -13.74
C LYS A 98 19.15 2.67 -12.26
N ILE A 99 20.43 2.50 -11.97
CA ILE A 99 20.91 2.30 -10.62
C ILE A 99 20.75 3.54 -9.76
N PHE A 100 20.92 4.70 -10.38
CA PHE A 100 20.79 5.94 -9.64
C PHE A 100 19.33 6.14 -9.21
N ALA A 101 18.41 5.92 -10.14
CA ALA A 101 16.99 6.02 -9.86
C ALA A 101 16.61 5.03 -8.76
N LEU A 102 16.99 3.78 -8.94
CA LEU A 102 16.71 2.77 -7.93
C LEU A 102 17.22 3.16 -6.57
N LYS A 103 18.47 3.60 -6.48
CA LYS A 103 19.01 4.00 -5.18
C LYS A 103 18.21 5.15 -4.56
N SER A 104 17.70 6.06 -5.39
CA SER A 104 16.89 7.16 -4.88
C SER A 104 15.55 6.64 -4.37
N ARG A 105 14.92 5.79 -5.17
CA ARG A 105 13.65 5.21 -4.76
C ARG A 105 13.81 4.50 -3.40
N MET A 106 14.88 3.73 -3.26
CA MET A 106 15.12 3.02 -2.01
C MET A 106 15.30 4.00 -0.86
N GLU A 107 15.83 5.17 -1.16
CA GLU A 107 15.99 6.20 -0.14
C GLU A 107 14.65 6.86 0.21
N LYS A 108 13.86 7.18 -0.80
CA LYS A 108 12.55 7.73 -0.52
C LYS A 108 11.72 6.70 0.26
N ILE A 109 11.76 5.45 -0.21
CA ILE A 109 11.07 4.37 0.51
C ILE A 109 11.49 4.33 1.96
N HIS A 110 12.78 4.51 2.24
CA HIS A 110 13.27 4.40 3.60
C HIS A 110 12.83 5.54 4.51
N THR A 111 12.78 6.76 3.98
CA THR A 111 12.32 7.88 4.78
C THR A 111 10.81 7.73 5.01
N LEU A 112 10.10 7.36 3.95
CA LEU A 112 8.64 7.17 4.02
C LEU A 112 8.28 6.27 5.19
N THR A 113 8.99 5.15 5.33
CA THR A 113 8.63 4.21 6.39
C THR A 113 9.01 4.73 7.77
N ARG A 114 9.97 5.65 7.83
CA ARG A 114 10.23 6.34 9.08
C ARG A 114 9.09 7.32 9.41
N GLU A 115 8.70 8.13 8.45
CA GLU A 115 7.59 9.05 8.62
C GLU A 115 6.31 8.33 9.04
N THR A 116 6.11 7.13 8.50
CA THR A 116 4.88 6.38 8.70
C THR A 116 4.85 5.79 10.10
N GLN A 117 6.00 5.34 10.57
CA GLN A 117 6.11 4.85 11.95
C GLN A 117 5.79 5.98 12.91
N GLU A 118 6.41 7.14 12.70
CA GLU A 118 6.16 8.29 13.55
C GLU A 118 4.65 8.55 13.62
N ARG A 119 4.01 8.67 12.45
CA ARG A 119 2.58 8.92 12.40
C ARG A 119 1.79 7.93 13.26
N TRP A 120 2.08 6.64 13.12
CA TRP A 120 1.40 5.63 13.92
C TRP A 120 1.66 5.73 15.45
N LEU A 121 2.88 6.07 15.84
CA LEU A 121 3.16 6.30 17.25
C LEU A 121 2.34 7.47 17.77
N GLN A 122 2.36 8.57 17.02
CA GLN A 122 1.57 9.74 17.34
C GLN A 122 0.11 9.32 17.47
N ILE A 123 -0.35 8.52 16.54
CA ILE A 123 -1.73 8.09 16.59
C ILE A 123 -1.96 7.30 17.86
N GLU A 124 -1.10 6.31 18.09
CA GLU A 124 -1.10 5.55 19.35
C GLU A 124 -1.30 6.46 20.54
N SER A 125 -0.43 7.45 20.68
CA SER A 125 -0.47 8.34 21.82
C SER A 125 -1.75 9.20 21.89
N LEU A 126 -2.28 9.62 20.75
CA LEU A 126 -3.55 10.33 20.77
C LEU A 126 -4.72 9.43 21.14
N CYS A 127 -4.56 8.13 20.93
CA CYS A 127 -5.65 7.18 21.07
C CYS A 127 -5.72 6.62 22.48
N GLY A 128 -4.54 6.38 23.04
CA GLY A 128 -4.43 5.80 24.36
C GLY A 128 -4.35 4.29 24.38
N PHE A 129 -3.91 3.68 23.29
CA PHE A 129 -3.70 2.24 23.28
C PHE A 129 -2.66 1.86 22.24
N PRO A 130 -2.02 0.68 22.39
CA PRO A 130 -0.97 0.25 21.45
C PRO A 130 -1.53 -0.13 20.09
N LEU A 131 -0.69 -0.04 19.04
CA LEU A 131 -1.08 -0.35 17.66
C LEU A 131 0.06 -0.92 16.80
N LEU A 132 1.32 -0.73 17.21
CA LEU A 132 2.45 -1.43 16.54
C LEU A 132 3.09 -2.51 17.43
N ASN B 4 -2.34 27.28 1.76
CA ASN B 4 -1.46 26.40 2.52
C ASN B 4 -2.26 25.51 3.46
N HIS B 5 -2.98 24.52 2.96
CA HIS B 5 -3.15 24.20 1.55
C HIS B 5 -4.24 23.13 1.45
N THR B 6 -3.94 21.93 1.96
CA THR B 6 -4.97 20.96 2.33
C THR B 6 -4.90 20.94 3.85
N GLU B 7 -3.78 21.42 4.37
CA GLU B 7 -3.70 21.80 5.75
C GLU B 7 -4.90 22.68 6.11
N MET B 8 -5.28 23.56 5.20
CA MET B 8 -6.39 24.48 5.47
C MET B 8 -7.72 23.78 5.58
N GLU B 9 -7.99 22.84 4.68
CA GLU B 9 -9.31 22.20 4.68
C GLU B 9 -9.46 21.25 5.86
N ASN B 10 -8.35 20.62 6.26
CA ASN B 10 -8.29 19.88 7.52
C ASN B 10 -8.74 20.79 8.68
N LEU B 11 -8.12 21.95 8.75
CA LEU B 11 -8.45 22.93 9.76
C LEU B 11 -9.95 23.20 9.76
N ARG B 12 -10.54 23.41 8.59
CA ARG B 12 -11.96 23.74 8.54
C ARG B 12 -12.76 22.60 9.10
N VAL B 13 -12.39 21.39 8.69
CA VAL B 13 -12.95 20.16 9.21
C VAL B 13 -12.91 20.19 10.74
N GLN B 14 -11.71 20.44 11.26
CA GLN B 14 -11.47 20.44 12.70
C GLN B 14 -12.27 21.54 13.43
N LEU B 15 -12.12 22.76 12.94
CA LEU B 15 -12.78 23.90 13.56
C LEU B 15 -14.28 23.68 13.60
N GLU B 16 -14.83 23.10 12.55
CA GLU B 16 -16.26 22.92 12.49
C GLU B 16 -16.72 21.96 13.58
N GLU B 17 -16.00 20.85 13.76
CA GLU B 17 -16.36 19.88 14.79
C GLU B 17 -16.08 20.40 16.19
N ALA B 18 -15.01 21.19 16.34
CA ALA B 18 -14.68 21.78 17.63
C ALA B 18 -15.84 22.65 18.07
N GLU B 19 -16.40 23.39 17.12
CA GLU B 19 -17.55 24.22 17.39
C GLU B 19 -18.69 23.34 17.86
N ARG B 20 -18.98 22.30 17.08
CA ARG B 20 -20.04 21.36 17.44
C ARG B 20 -19.82 20.72 18.82
N ARG B 21 -18.57 20.41 19.15
CA ARG B 21 -18.26 19.79 20.44
C ARG B 21 -18.29 20.77 21.60
N LEU B 22 -18.16 22.05 21.31
CA LEU B 22 -18.18 23.04 22.38
C LEU B 22 -19.58 23.25 22.92
N GLU B 23 -20.59 22.89 22.12
CA GLU B 23 -21.96 22.90 22.62
C GLU B 23 -22.12 21.92 23.77
N ASN B 27 -24.26 14.22 19.59
CA ASN B 27 -23.02 13.79 20.24
C ASN B 27 -22.54 12.44 19.70
N GLY B 28 -22.39 11.45 20.58
CA GLY B 28 -21.98 10.11 20.18
C GLY B 28 -20.50 9.86 20.36
N SER B 29 -19.98 8.87 19.62
CA SER B 29 -18.54 8.57 19.61
C SER B 29 -17.75 9.75 19.07
N GLN B 30 -16.71 10.14 19.81
CA GLN B 30 -15.83 11.18 19.31
C GLN B 30 -14.37 10.87 19.67
N ALA B 31 -13.48 10.99 18.69
CA ALA B 31 -12.06 10.87 18.92
C ALA B 31 -11.47 12.27 18.90
N PRO B 32 -10.32 12.45 19.56
CA PRO B 32 -9.62 13.76 19.56
C PRO B 32 -9.35 14.33 18.16
N LEU B 33 -9.60 15.64 18.05
CA LEU B 33 -9.47 16.36 16.80
C LEU B 33 -8.06 16.32 16.22
N ALA B 34 -7.06 16.24 17.08
CA ALA B 34 -5.67 16.09 16.61
C ALA B 34 -5.49 14.86 15.73
N LEU B 35 -6.38 13.88 15.84
CA LEU B 35 -6.31 12.69 15.01
C LEU B 35 -6.72 12.91 13.53
N GLN B 36 -7.58 13.88 13.26
CA GLN B 36 -8.16 13.99 11.93
C GLN B 36 -7.14 14.15 10.79
N PRO B 37 -6.11 15.00 10.97
CA PRO B 37 -5.14 15.07 9.86
C PRO B 37 -4.32 13.78 9.75
N LEU B 38 -3.98 13.18 10.87
CA LEU B 38 -3.17 11.97 10.85
C LEU B 38 -3.89 10.82 10.16
N LEU B 39 -5.18 10.70 10.45
CA LEU B 39 -6.00 9.67 9.84
C LEU B 39 -6.36 9.97 8.38
N ARG B 40 -6.59 11.23 8.04
CA ARG B 40 -6.83 11.56 6.63
C ARG B 40 -5.62 11.25 5.78
N ARG B 41 -4.43 11.51 6.33
CA ARG B 41 -3.20 11.11 5.64
C ARG B 41 -3.17 9.56 5.47
N THR B 42 -3.31 8.84 6.58
CA THR B 42 -3.30 7.37 6.58
C THR B 42 -4.27 6.79 5.55
N CYS B 43 -5.52 7.17 5.70
CA CYS B 43 -6.56 6.80 4.76
C CYS B 43 -6.12 7.03 3.32
N GLU B 44 -5.44 8.16 3.08
CA GLU B 44 -5.05 8.57 1.72
C GLU B 44 -3.91 7.72 1.19
N ASN B 45 -2.91 7.44 2.02
CA ASN B 45 -1.92 6.43 1.65
C ASN B 45 -2.58 5.11 1.29
N GLU B 46 -3.51 4.66 2.11
CA GLU B 46 -4.09 3.34 1.89
C GLU B 46 -4.82 3.22 0.54
N MET B 47 -5.68 4.17 0.23
CA MET B 47 -6.37 4.16 -1.06
C MET B 47 -5.39 4.30 -2.22
N ALA B 48 -4.32 5.07 -2.05
CA ALA B 48 -3.30 5.21 -3.09
C ALA B 48 -2.66 3.87 -3.36
N PHE B 49 -2.19 3.23 -2.30
CA PHE B 49 -1.62 1.88 -2.35
C PHE B 49 -2.51 0.86 -3.07
N LEU B 50 -3.81 0.92 -2.81
CA LEU B 50 -4.76 0.08 -3.53
C LEU B 50 -4.83 0.40 -5.02
N GLU B 51 -4.93 1.68 -5.35
CA GLU B 51 -5.01 2.07 -6.74
C GLU B 51 -3.79 1.57 -7.52
N LYS B 52 -2.62 1.63 -6.90
CA LYS B 52 -1.40 1.22 -7.58
C LYS B 52 -1.36 -0.30 -7.82
N GLN B 53 -1.93 -1.06 -6.89
CA GLN B 53 -2.15 -2.50 -7.08
C GLN B 53 -3.12 -2.76 -8.24
N ARG B 54 -4.22 -2.02 -8.27
CA ARG B 54 -5.19 -2.12 -9.35
C ARG B 54 -4.54 -1.75 -10.70
N GLN B 55 -3.71 -0.72 -10.70
CA GLN B 55 -2.93 -0.31 -11.86
C GLN B 55 -2.05 -1.42 -12.41
N ASP B 56 -1.34 -2.08 -11.51
CA ASP B 56 -0.42 -3.17 -11.84
C ASP B 56 -1.12 -4.38 -12.46
N CYS B 57 -2.30 -4.68 -11.94
CA CYS B 57 -3.00 -5.85 -12.40
C CYS B 57 -3.51 -5.54 -13.80
N PHE B 58 -4.04 -4.34 -13.96
CA PHE B 58 -4.41 -3.85 -15.28
C PHE B 58 -3.26 -4.00 -16.27
N LYS B 59 -2.10 -3.42 -15.93
CA LYS B 59 -0.93 -3.49 -16.79
C LYS B 59 -0.55 -4.93 -17.13
N GLU B 60 -0.67 -5.82 -16.17
CA GLU B 60 -0.31 -7.22 -16.38
C GLU B 60 -1.37 -7.94 -17.22
N MET B 61 -2.63 -7.52 -17.07
CA MET B 61 -3.67 -8.02 -17.96
C MET B 61 -3.43 -7.59 -19.42
N LYS B 62 -2.84 -6.42 -19.59
CA LYS B 62 -2.57 -5.88 -20.92
C LYS B 62 -1.44 -6.65 -21.61
N GLU B 63 -0.44 -7.07 -20.83
CA GLU B 63 0.64 -7.91 -21.35
C GLU B 63 0.08 -9.24 -21.82
N ALA B 64 -0.83 -9.80 -21.01
CA ALA B 64 -1.51 -11.05 -21.31
C ALA B 64 -2.21 -11.00 -22.67
N ILE B 65 -2.94 -9.92 -22.91
CA ILE B 65 -3.66 -9.73 -24.16
C ILE B 65 -2.70 -9.76 -25.34
N GLU B 66 -1.56 -9.12 -25.14
CA GLU B 66 -0.51 -9.04 -26.13
C GLU B 66 0.05 -10.43 -26.40
N MET B 67 0.15 -11.25 -25.35
CA MET B 67 0.66 -12.59 -25.52
C MET B 67 -0.30 -13.39 -26.37
N VAL B 68 -1.59 -13.24 -26.10
CA VAL B 68 -2.60 -13.95 -26.88
C VAL B 68 -2.50 -13.56 -28.35
N ASP B 69 -2.26 -12.27 -28.60
CA ASP B 69 -2.05 -11.77 -29.96
C ASP B 69 -0.86 -12.49 -30.62
N ARG B 70 0.26 -12.59 -29.91
CA ARG B 70 1.44 -13.33 -30.38
C ARG B 70 1.14 -14.78 -30.67
N LEU B 71 0.56 -15.49 -29.71
CA LEU B 71 0.23 -16.90 -29.93
C LEU B 71 -0.47 -17.06 -31.28
N GLN B 72 -1.60 -16.38 -31.43
CA GLN B 72 -2.45 -16.49 -32.61
C GLN B 72 -1.68 -16.27 -33.90
N LYS B 73 -0.79 -15.28 -33.88
CA LYS B 73 0.11 -14.98 -35.00
C LYS B 73 1.02 -16.17 -35.33
N LYS B 74 2.16 -16.24 -34.64
CA LYS B 74 3.11 -17.32 -34.83
C LYS B 74 2.59 -18.62 -34.22
N SER B 81 9.53 -29.35 -35.54
CA SER B 81 8.59 -28.25 -35.40
C SER B 81 8.14 -28.02 -33.94
N LEU B 82 7.37 -28.95 -33.40
CA LEU B 82 6.67 -28.72 -32.13
C LEU B 82 7.19 -29.54 -30.93
N LYS B 83 7.57 -30.80 -31.16
CA LYS B 83 8.09 -31.69 -30.11
C LYS B 83 6.99 -32.40 -29.30
N LEU B 84 7.30 -32.76 -28.05
CA LEU B 84 6.41 -33.58 -27.22
C LEU B 84 5.92 -32.88 -25.94
N ALA B 85 6.86 -32.36 -25.16
CA ALA B 85 6.58 -31.45 -24.03
C ALA B 85 6.34 -32.08 -22.65
N THR B 86 6.11 -33.39 -22.61
CA THR B 86 6.06 -34.15 -21.35
C THR B 86 4.72 -34.12 -20.63
N GLY B 87 4.78 -34.13 -19.29
CA GLY B 87 3.60 -34.08 -18.46
C GLY B 87 3.38 -32.66 -17.93
N ALA B 88 3.55 -31.68 -18.81
CA ALA B 88 3.45 -30.26 -18.43
C ALA B 88 2.38 -29.53 -19.23
N ALA B 89 2.46 -28.19 -19.24
CA ALA B 89 1.44 -27.38 -19.91
C ALA B 89 1.99 -26.62 -21.11
N SER B 90 1.20 -26.55 -22.18
CA SER B 90 1.60 -25.77 -23.35
C SER B 90 1.64 -24.27 -23.04
N THR B 91 2.15 -23.50 -23.98
CA THR B 91 2.33 -22.08 -23.74
C THR B 91 0.94 -21.43 -23.74
N SER B 92 0.05 -22.01 -24.53
CA SER B 92 -1.34 -21.59 -24.62
C SER B 92 -2.04 -21.86 -23.29
N ASP B 93 -1.79 -23.03 -22.73
CA ASP B 93 -2.29 -23.35 -21.39
C ASP B 93 -1.68 -22.41 -20.35
N GLN B 94 -0.40 -22.13 -20.51
CA GLN B 94 0.28 -21.21 -19.58
C GLN B 94 -0.37 -19.84 -19.60
N VAL B 95 -0.80 -19.40 -20.78
CA VAL B 95 -1.37 -18.07 -20.92
C VAL B 95 -2.78 -18.05 -20.35
N ASP B 96 -3.54 -19.11 -20.60
CA ASP B 96 -4.91 -19.16 -20.12
C ASP B 96 -4.96 -19.13 -18.59
N SER B 97 -3.98 -19.76 -17.96
CA SER B 97 -3.92 -19.75 -16.49
C SER B 97 -3.24 -18.50 -15.94
N LYS B 98 -2.50 -17.80 -16.79
CA LYS B 98 -2.02 -16.46 -16.46
C LYS B 98 -3.22 -15.53 -16.31
N ILE B 99 -4.11 -15.61 -17.30
CA ILE B 99 -5.32 -14.80 -17.29
C ILE B 99 -6.17 -15.11 -16.06
N PHE B 100 -6.31 -16.40 -15.76
CA PHE B 100 -7.13 -16.82 -14.64
C PHE B 100 -6.62 -16.23 -13.33
N ALA B 101 -5.31 -16.39 -13.12
CA ALA B 101 -4.64 -15.80 -11.98
C ALA B 101 -4.92 -14.30 -11.91
N LEU B 102 -4.64 -13.60 -13.01
CA LEU B 102 -4.81 -12.16 -13.04
C LEU B 102 -6.23 -11.77 -12.69
N LYS B 103 -7.20 -12.48 -13.23
CA LYS B 103 -8.60 -12.15 -12.95
C LYS B 103 -9.03 -12.45 -11.51
N SER B 104 -8.45 -13.48 -10.89
CA SER B 104 -8.73 -13.75 -9.48
C SER B 104 -8.13 -12.65 -8.63
N ARG B 105 -6.90 -12.28 -8.95
CA ARG B 105 -6.22 -11.18 -8.28
C ARG B 105 -7.03 -9.88 -8.37
N MET B 106 -7.58 -9.60 -9.54
CA MET B 106 -8.35 -8.38 -9.73
C MET B 106 -9.64 -8.42 -8.88
N GLU B 107 -10.19 -9.60 -8.68
CA GLU B 107 -11.35 -9.75 -7.80
C GLU B 107 -10.92 -9.50 -6.36
N LYS B 108 -9.85 -10.16 -5.96
CA LYS B 108 -9.24 -9.94 -4.67
C LYS B 108 -9.10 -8.44 -4.42
N ILE B 109 -8.46 -7.76 -5.38
CA ILE B 109 -8.28 -6.32 -5.23
C ILE B 109 -9.62 -5.60 -5.09
N HIS B 110 -10.65 -6.02 -5.81
CA HIS B 110 -11.91 -5.30 -5.75
C HIS B 110 -12.56 -5.40 -4.40
N THR B 111 -12.55 -6.59 -3.82
CA THR B 111 -13.16 -6.76 -2.51
C THR B 111 -12.29 -6.07 -1.46
N LEU B 112 -10.98 -6.21 -1.55
CA LEU B 112 -10.09 -5.50 -0.63
C LEU B 112 -10.43 -4.02 -0.56
N THR B 113 -10.75 -3.41 -1.70
CA THR B 113 -11.03 -1.97 -1.66
C THR B 113 -12.44 -1.64 -1.16
N ARG B 114 -13.37 -2.58 -1.27
CA ARG B 114 -14.66 -2.41 -0.61
C ARG B 114 -14.51 -2.57 0.91
N GLU B 115 -13.83 -3.62 1.34
CA GLU B 115 -13.52 -3.82 2.77
C GLU B 115 -12.86 -2.59 3.38
N THR B 116 -11.93 -1.99 2.64
CA THR B 116 -11.13 -0.88 3.16
C THR B 116 -11.99 0.36 3.27
N GLN B 117 -12.89 0.57 2.31
CA GLN B 117 -13.78 1.71 2.35
C GLN B 117 -14.71 1.59 3.55
N GLU B 118 -15.20 0.39 3.81
CA GLU B 118 -16.07 0.16 4.96
C GLU B 118 -15.34 0.52 6.23
N ARG B 119 -14.14 -0.04 6.39
CA ARG B 119 -13.32 0.19 7.58
C ARG B 119 -13.17 1.68 7.82
N TRP B 120 -12.87 2.44 6.78
CA TRP B 120 -12.69 3.88 6.92
C TRP B 120 -13.98 4.61 7.29
N LEU B 121 -15.11 4.14 6.77
CA LEU B 121 -16.40 4.71 7.16
C LEU B 121 -16.69 4.44 8.64
N GLN B 122 -16.31 3.25 9.10
CA GLN B 122 -16.45 2.92 10.50
C GLN B 122 -15.54 3.80 11.36
N ILE B 123 -14.31 3.99 10.90
CA ILE B 123 -13.39 4.83 11.65
C ILE B 123 -13.93 6.24 11.76
N GLU B 124 -14.33 6.84 10.62
CA GLU B 124 -14.99 8.15 10.62
C GLU B 124 -16.04 8.29 11.70
N SER B 125 -17.01 7.38 11.68
CA SER B 125 -18.15 7.48 12.56
C SER B 125 -17.80 7.24 14.04
N LEU B 126 -16.80 6.42 14.30
CA LEU B 126 -16.30 6.29 15.66
C LEU B 126 -15.53 7.55 16.07
N CYS B 127 -14.98 8.26 15.10
CA CYS B 127 -14.12 9.40 15.36
C CYS B 127 -14.94 10.66 15.50
N GLY B 128 -16.02 10.73 14.72
CA GLY B 128 -16.90 11.88 14.71
C GLY B 128 -16.47 13.00 13.78
N PHE B 129 -15.52 12.72 12.90
CA PHE B 129 -15.19 13.69 11.86
C PHE B 129 -14.94 12.99 10.53
N PRO B 130 -15.00 13.74 9.41
CA PRO B 130 -14.80 13.20 8.06
C PRO B 130 -13.35 12.88 7.75
N LEU B 131 -13.12 11.94 6.82
CA LEU B 131 -11.77 11.49 6.46
C LEU B 131 -11.73 10.84 5.08
N LEU B 132 -12.85 10.34 4.61
CA LEU B 132 -12.85 9.57 3.35
C LEU B 132 -13.19 10.43 2.13
N TYR B 133 -12.31 10.37 1.14
CA TYR B 133 -12.48 11.08 -0.11
C TYR B 133 -12.72 12.59 0.11
#